data_2IX9
#
_entry.id   2IX9
#
_cell.length_a   158.825
_cell.length_b   51.556
_cell.length_c   72.553
_cell.angle_alpha   90.00
_cell.angle_beta   109.27
_cell.angle_gamma   90.00
#
_symmetry.space_group_name_H-M   'C 1 2 1'
#
loop_
_entity.id
_entity.type
_entity.pdbx_description
1 polymer 'FERULOYL ESTERASE A'
2 non-polymer '3-CYCLOHEXYL-1-PROPYLSULFONIC ACID'
3 non-polymer 1,2-ETHANEDIOL
4 non-polymer 'SULFATE ION'
5 water water
#
_entity_poly.entity_id   1
_entity_poly.type   'polypeptide(L)'
_entity_poly.pdbx_seq_one_letter_code
;ASTQGISEDLYNRLVEMATISQAAYADLCNIPSTIIKGEKIYNAQTDINGWILRDDTSKEIITVFRGTGSDTNLQLDTNY
TLTPFDTLPQCNDCEVHGGYYIGWISVQDQVESLVKQQASQYPDYALTVTGHSLGASMAALTAAQLSATYDNVRLYTFGE
PRSGNQAFASYMNDAFQVSSPETTQYFRVTHSNDGIPNLPPAEQGYAHGGVEYWSVDPYSAQNTFVCTGDEVQCCEAQGG
QGVNDAHTTYFGMTSGACTW
;
_entity_poly.pdbx_strand_id   A,B
#
# COMPACT_ATOMS: atom_id res chain seq x y z
N ALA A 1 18.44 22.64 -10.34
CA ALA A 1 18.56 23.88 -9.51
C ALA A 1 17.38 24.00 -8.57
N SER A 2 17.53 24.88 -7.60
CA SER A 2 16.46 25.10 -6.61
C SER A 2 16.53 26.51 -6.12
N THR A 3 15.37 27.05 -5.78
CA THR A 3 15.26 28.33 -5.11
C THR A 3 14.26 28.15 -3.99
N GLN A 4 14.36 28.99 -2.97
CA GLN A 4 13.46 28.95 -1.85
C GLN A 4 12.51 30.13 -1.90
N GLY A 5 11.21 29.83 -1.77
CA GLY A 5 10.16 30.80 -1.72
C GLY A 5 9.40 30.99 -3.01
N ILE A 6 8.07 31.07 -2.87
CA ILE A 6 7.19 31.36 -3.99
C ILE A 6 6.30 32.55 -3.62
N SER A 7 5.62 33.10 -4.62
CA SER A 7 4.70 34.21 -4.39
C SER A 7 3.55 33.74 -3.52
N GLU A 8 3.01 34.66 -2.71
CA GLU A 8 1.77 34.36 -1.99
C GLU A 8 0.64 33.98 -2.91
N ASP A 9 0.52 34.63 -4.08
CA ASP A 9 -0.55 34.27 -5.03
C ASP A 9 -0.44 32.80 -5.46
N LEU A 10 0.79 32.35 -5.74
CA LEU A 10 1.01 30.97 -6.16
C LEU A 10 0.75 30.04 -4.99
N TYR A 11 1.32 30.39 -3.84
CA TYR A 11 1.11 29.62 -2.63
C TYR A 11 -0.38 29.41 -2.33
N ASN A 12 -1.13 30.51 -2.34
CA ASN A 12 -2.56 30.45 -2.12
C ASN A 12 -3.29 29.52 -3.11
N ARG A 13 -2.85 29.50 -4.37
CA ARG A 13 -3.38 28.60 -5.37
C ARG A 13 -3.10 27.14 -5.00
N LEU A 14 -1.85 26.86 -4.63
CA LEU A 14 -1.49 25.51 -4.23
C LEU A 14 -2.34 25.08 -3.05
N VAL A 15 -2.51 25.93 -2.05
CA VAL A 15 -3.35 25.60 -0.91
C VAL A 15 -4.79 25.34 -1.31
N GLU A 16 -5.36 26.18 -2.16
CA GLU A 16 -6.72 25.96 -2.62
CA GLU A 16 -6.72 25.97 -2.64
C GLU A 16 -6.88 24.61 -3.32
N MET A 17 -5.92 24.26 -4.18
CA MET A 17 -6.04 23.01 -4.91
C MET A 17 -5.79 21.86 -3.97
N ALA A 18 -4.87 22.02 -3.03
CA ALA A 18 -4.68 21.00 -2.00
C ALA A 18 -5.97 20.76 -1.17
N THR A 19 -6.67 21.83 -0.84
CA THR A 19 -7.94 21.71 -0.10
C THR A 19 -8.96 20.88 -0.85
N ILE A 20 -9.18 21.19 -2.13
CA ILE A 20 -10.13 20.44 -2.92
C ILE A 20 -9.68 18.98 -3.05
N SER A 21 -8.37 18.74 -3.22
CA SER A 21 -7.84 17.39 -3.34
C SER A 21 -8.10 16.56 -2.08
N GLN A 22 -7.87 17.19 -0.91
CA GLN A 22 -8.00 16.50 0.35
C GLN A 22 -9.49 16.34 0.75
N ALA A 23 -10.32 17.30 0.31
CA ALA A 23 -11.81 17.21 0.48
C ALA A 23 -12.47 16.13 -0.41
N ALA A 24 -11.81 15.77 -1.50
CA ALA A 24 -12.33 14.75 -2.42
C ALA A 24 -12.49 13.40 -1.74
N TYR A 25 -11.76 13.19 -0.63
CA TYR A 25 -11.89 11.95 0.17
C TYR A 25 -13.16 11.91 1.04
N ALA A 26 -13.85 13.03 1.13
CA ALA A 26 -15.07 13.10 1.95
C ALA A 26 -16.17 13.89 1.26
N ASP A 27 -16.46 13.53 0.01
CA ASP A 27 -17.53 14.15 -0.79
CA ASP A 27 -17.57 14.15 -0.75
C ASP A 27 -17.41 15.68 -0.84
N LEU A 28 -16.17 16.15 -0.94
CA LEU A 28 -15.85 17.56 -1.15
C LEU A 28 -16.34 18.44 -0.03
N CYS A 29 -16.12 17.95 1.19
CA CYS A 29 -16.56 18.65 2.39
C CYS A 29 -15.89 20.03 2.52
N ASN A 30 -16.66 21.02 2.96
CA ASN A 30 -16.13 22.31 3.40
C ASN A 30 -15.28 23.03 2.36
N ILE A 31 -15.59 22.81 1.08
CA ILE A 31 -14.91 23.56 0.04
C ILE A 31 -15.61 24.91 -0.12
N PRO A 32 -14.91 25.93 -0.66
CA PRO A 32 -15.53 27.25 -0.83
C PRO A 32 -16.91 27.22 -1.47
N SER A 33 -17.81 28.04 -0.93
CA SER A 33 -19.18 28.11 -1.46
C SER A 33 -19.29 28.65 -2.90
N THR A 34 -18.27 29.39 -3.35
CA THR A 34 -18.15 29.84 -4.76
C THR A 34 -17.73 28.76 -5.78
N ILE A 35 -17.44 27.57 -5.32
CA ILE A 35 -17.18 26.49 -6.26
C ILE A 35 -18.53 25.84 -6.53
N ILE A 36 -18.87 25.71 -7.81
CA ILE A 36 -20.10 25.04 -8.23
C ILE A 36 -19.74 23.57 -8.43
N LYS A 37 -20.39 22.69 -7.68
CA LYS A 37 -20.11 21.26 -7.73
C LYS A 37 -20.95 20.64 -8.85
N GLY A 38 -20.26 20.03 -9.83
CA GLY A 38 -20.91 19.37 -10.95
C GLY A 38 -21.01 17.88 -10.76
N GLU A 39 -21.08 17.17 -11.87
CA GLU A 39 -21.34 15.72 -11.86
C GLU A 39 -20.23 14.93 -11.17
N LYS A 40 -20.64 13.86 -10.49
CA LYS A 40 -19.71 12.90 -9.89
C LYS A 40 -19.14 11.96 -10.97
N ILE A 41 -17.81 11.92 -11.07
CA ILE A 41 -17.10 10.96 -11.88
C ILE A 41 -16.98 9.70 -11.03
N TYR A 42 -17.38 8.57 -11.61
CA TYR A 42 -17.40 7.32 -10.85
C TYR A 42 -17.40 6.09 -11.73
N ASN A 43 -16.56 5.13 -11.35
CA ASN A 43 -16.67 3.78 -11.86
C ASN A 43 -16.65 2.78 -10.72
N ALA A 44 -17.67 1.94 -10.66
CA ALA A 44 -17.79 0.98 -9.54
C ALA A 44 -16.68 -0.11 -9.51
N GLN A 45 -16.26 -0.55 -10.69
CA GLN A 45 -15.27 -1.62 -10.85
C GLN A 45 -13.88 -1.21 -10.36
N THR A 46 -13.48 0.04 -10.65
CA THR A 46 -12.18 0.55 -10.21
C THR A 46 -12.27 1.41 -8.92
N ASP A 47 -13.49 1.75 -8.54
CA ASP A 47 -13.78 2.70 -7.44
C ASP A 47 -13.03 4.02 -7.62
N ILE A 48 -12.88 4.46 -8.87
CA ILE A 48 -12.39 5.81 -9.12
C ILE A 48 -13.51 6.78 -8.84
N ASN A 49 -13.22 7.77 -7.97
CA ASN A 49 -14.14 8.82 -7.58
C ASN A 49 -13.52 10.18 -7.92
N GLY A 50 -14.32 11.06 -8.52
CA GLY A 50 -13.92 12.45 -8.75
C GLY A 50 -15.12 13.30 -9.06
N TRP A 51 -14.86 14.56 -9.39
CA TRP A 51 -15.91 15.49 -9.74
C TRP A 51 -15.41 16.49 -10.75
N ILE A 52 -16.33 17.04 -11.55
CA ILE A 52 -16.08 18.24 -12.30
C ILE A 52 -16.76 19.40 -11.52
N LEU A 53 -16.04 20.52 -11.45
CA LEU A 53 -16.43 21.69 -10.70
C LEU A 53 -16.19 22.92 -11.54
N ARG A 54 -16.84 24.02 -11.19
CA ARG A 54 -16.54 25.27 -11.83
C ARG A 54 -16.39 26.40 -10.81
N ASP A 55 -15.42 27.26 -11.03
CA ASP A 55 -15.29 28.49 -10.25
C ASP A 55 -15.33 29.67 -11.18
N ASP A 56 -16.47 30.34 -11.20
CA ASP A 56 -16.66 31.49 -12.08
C ASP A 56 -15.84 32.70 -11.63
N THR A 57 -15.48 32.75 -10.35
CA THR A 57 -14.74 33.90 -9.87
C THR A 57 -13.26 33.81 -10.26
N SER A 58 -12.76 32.60 -10.45
CA SER A 58 -11.39 32.40 -10.94
C SER A 58 -11.36 31.91 -12.39
N LYS A 59 -12.54 31.84 -13.04
CA LYS A 59 -12.64 31.41 -14.42
C LYS A 59 -11.87 30.11 -14.68
N GLU A 60 -12.22 29.08 -13.92
CA GLU A 60 -11.69 27.74 -14.15
C GLU A 60 -12.73 26.66 -13.99
N ILE A 61 -12.59 25.64 -14.84
CA ILE A 61 -13.31 24.39 -14.71
C ILE A 61 -12.32 23.45 -14.07
N ILE A 62 -12.68 22.86 -12.93
CA ILE A 62 -11.74 22.03 -12.17
C ILE A 62 -12.21 20.57 -12.15
N THR A 63 -11.33 19.66 -12.59
CA THR A 63 -11.56 18.24 -12.50
C THR A 63 -10.68 17.72 -11.37
N VAL A 64 -11.29 17.14 -10.35
CA VAL A 64 -10.55 16.59 -9.20
C VAL A 64 -10.81 15.10 -9.04
N PHE A 65 -9.75 14.36 -8.69
CA PHE A 65 -9.85 12.95 -8.41
C PHE A 65 -9.49 12.69 -6.96
N ARG A 66 -10.28 11.82 -6.36
CA ARG A 66 -9.94 11.26 -5.06
C ARG A 66 -8.80 10.27 -5.18
N GLY A 67 -7.89 10.30 -4.22
CA GLY A 67 -6.92 9.23 -4.05
C GLY A 67 -7.54 8.00 -3.42
N THR A 68 -6.69 7.16 -2.84
CA THR A 68 -7.10 5.85 -2.40
C THR A 68 -8.06 5.93 -1.21
N GLY A 69 -9.27 5.38 -1.40
CA GLY A 69 -10.27 5.28 -0.33
C GLY A 69 -10.88 3.89 -0.19
N SER A 70 -10.21 2.88 -0.74
CA SER A 70 -10.69 1.51 -0.75
C SER A 70 -9.56 0.55 -1.11
N ASP A 71 -9.74 -0.73 -0.75
CA ASP A 71 -8.80 -1.76 -1.16
C ASP A 71 -8.77 -1.92 -2.69
N THR A 72 -9.92 -1.72 -3.36
CA THR A 72 -9.95 -1.67 -4.82
C THR A 72 -8.99 -0.63 -5.38
N ASN A 73 -8.99 0.58 -4.83
CA ASN A 73 -7.99 1.59 -5.20
C ASN A 73 -6.56 1.16 -4.89
N LEU A 74 -6.34 0.54 -3.74
CA LEU A 74 -5.02 0.05 -3.37
C LEU A 74 -4.46 -0.96 -4.35
N GLN A 75 -5.34 -1.76 -4.95
CA GLN A 75 -4.93 -2.65 -6.04
C GLN A 75 -4.39 -1.85 -7.21
N LEU A 76 -5.00 -0.71 -7.51
CA LEU A 76 -4.50 0.13 -8.57
C LEU A 76 -3.17 0.76 -8.19
N ASP A 77 -3.10 1.35 -7.00
CA ASP A 77 -1.86 1.98 -6.52
C ASP A 77 -0.62 1.09 -6.65
N THR A 78 -0.78 -0.21 -6.41
CA THR A 78 0.35 -1.11 -6.23
C THR A 78 0.64 -1.96 -7.48
N ASN A 79 0.02 -1.63 -8.61
CA ASN A 79 0.31 -2.25 -9.90
C ASN A 79 1.29 -1.35 -10.69
N TYR A 80 2.57 -1.69 -10.64
CA TYR A 80 3.65 -0.88 -11.22
C TYR A 80 4.02 -1.30 -12.65
N THR A 81 3.18 -2.12 -13.28
CA THR A 81 3.46 -2.56 -14.63
C THR A 81 3.29 -1.41 -15.58
N LEU A 82 4.37 -1.02 -16.27
CA LEU A 82 4.31 0.03 -17.29
C LEU A 82 3.44 -0.43 -18.47
N THR A 83 2.53 0.44 -18.89
CA THR A 83 1.52 0.15 -19.90
C THR A 83 1.52 1.24 -20.97
N PRO A 84 1.52 0.87 -22.26
CA PRO A 84 1.45 1.89 -23.29
C PRO A 84 0.24 2.77 -23.10
N PHE A 85 0.43 4.08 -23.24
CA PHE A 85 -0.64 5.06 -23.02
C PHE A 85 -1.48 5.14 -24.29
N ASP A 86 -2.24 4.09 -24.53
CA ASP A 86 -2.84 3.86 -25.85
C ASP A 86 -4.04 4.76 -26.11
N THR A 87 -4.55 5.44 -25.08
CA THR A 87 -5.63 6.38 -25.30
C THR A 87 -5.11 7.65 -25.98
N LEU A 88 -3.79 7.86 -25.93
CA LEU A 88 -3.15 9.05 -26.49
C LEU A 88 -1.96 8.57 -27.31
N PRO A 89 -2.24 7.94 -28.45
CA PRO A 89 -1.13 7.34 -29.18
C PRO A 89 -0.17 8.36 -29.82
N GLN A 90 -0.55 9.63 -29.90
CA GLN A 90 0.38 10.67 -30.35
C GLN A 90 1.52 10.95 -29.34
N CYS A 91 1.38 10.39 -28.13
CA CYS A 91 2.43 10.35 -27.12
C CYS A 91 3.32 9.13 -27.46
N ASN A 92 4.30 9.38 -28.34
CA ASN A 92 5.16 8.33 -28.91
C ASN A 92 6.00 7.65 -27.83
N ASP A 93 5.87 6.33 -27.70
CA ASP A 93 6.64 5.50 -26.74
C ASP A 93 6.27 5.79 -25.28
N CYS A 94 5.16 6.52 -25.06
CA CYS A 94 4.73 6.85 -23.70
C CYS A 94 4.14 5.62 -23.04
N GLU A 95 4.60 5.36 -21.82
CA GLU A 95 4.02 4.31 -21.00
C GLU A 95 3.73 4.91 -19.64
N VAL A 96 2.67 4.41 -19.03
CA VAL A 96 2.22 4.92 -17.75
C VAL A 96 2.00 3.79 -16.73
N HIS A 97 1.97 4.18 -15.46
CA HIS A 97 1.63 3.32 -14.35
C HIS A 97 0.40 2.49 -14.68
N GLY A 98 0.53 1.17 -14.60
CA GLY A 98 -0.49 0.26 -15.06
C GLY A 98 -1.78 0.36 -14.28
N GLY A 99 -1.67 0.51 -12.97
CA GLY A 99 -2.84 0.61 -12.11
C GLY A 99 -3.60 1.90 -12.40
N TYR A 100 -2.87 3.01 -12.51
CA TYR A 100 -3.57 4.26 -12.79
C TYR A 100 -4.13 4.26 -14.18
N TYR A 101 -3.48 3.58 -15.13
CA TYR A 101 -4.05 3.47 -16.46
C TYR A 101 -5.42 2.74 -16.43
N ILE A 102 -5.51 1.65 -15.68
CA ILE A 102 -6.78 0.93 -15.54
C ILE A 102 -7.83 1.86 -14.93
N GLY A 103 -7.42 2.65 -13.93
CA GLY A 103 -8.27 3.70 -13.38
C GLY A 103 -8.76 4.65 -14.46
N TRP A 104 -7.82 5.25 -15.18
CA TRP A 104 -8.12 6.24 -16.23
C TRP A 104 -9.09 5.68 -17.27
N ILE A 105 -8.79 4.50 -17.83
CA ILE A 105 -9.63 3.86 -18.84
CA ILE A 105 -9.66 4.00 -18.87
C ILE A 105 -11.08 3.74 -18.38
N SER A 106 -11.25 3.43 -17.09
CA SER A 106 -12.60 3.22 -16.52
C SER A 106 -13.48 4.49 -16.47
N VAL A 107 -12.85 5.66 -16.40
CA VAL A 107 -13.58 6.93 -16.32
C VAL A 107 -13.35 7.89 -17.50
N GLN A 108 -12.50 7.51 -18.47
CA GLN A 108 -12.13 8.40 -19.58
C GLN A 108 -13.33 8.96 -20.30
N ASP A 109 -14.29 8.10 -20.63
CA ASP A 109 -15.41 8.54 -21.46
C ASP A 109 -16.23 9.59 -20.73
N GLN A 110 -16.43 9.38 -19.43
CA GLN A 110 -17.21 10.31 -18.61
C GLN A 110 -16.48 11.63 -18.43
N VAL A 111 -15.19 11.56 -18.15
CA VAL A 111 -14.37 12.77 -17.97
C VAL A 111 -14.35 13.65 -19.23
N GLU A 112 -14.05 13.02 -20.35
CA GLU A 112 -13.96 13.72 -21.62
C GLU A 112 -15.30 14.36 -22.01
N SER A 113 -16.40 13.65 -21.75
CA SER A 113 -17.72 14.18 -22.09
C SER A 113 -18.11 15.37 -21.23
N LEU A 114 -17.83 15.27 -19.92
CA LEU A 114 -18.11 16.39 -19.00
C LEU A 114 -17.24 17.61 -19.31
N VAL A 115 -15.95 17.40 -19.53
CA VAL A 115 -15.06 18.52 -19.85
C VAL A 115 -15.47 19.16 -21.19
N LYS A 116 -15.80 18.35 -22.18
CA LYS A 116 -16.16 18.89 -23.48
C LYS A 116 -17.34 19.85 -23.35
N GLN A 117 -18.35 19.44 -22.59
CA GLN A 117 -19.54 20.26 -22.39
C GLN A 117 -19.18 21.57 -21.71
N GLN A 118 -18.48 21.48 -20.59
CA GLN A 118 -18.13 22.66 -19.84
C GLN A 118 -17.19 23.60 -20.58
N ALA A 119 -16.15 23.04 -21.20
CA ALA A 119 -15.16 23.83 -21.95
C ALA A 119 -15.84 24.59 -23.09
N SER A 120 -16.79 23.95 -23.77
CA SER A 120 -17.50 24.61 -24.87
CA SER A 120 -17.52 24.61 -24.87
C SER A 120 -18.35 25.76 -24.34
N GLN A 121 -18.93 25.56 -23.17
CA GLN A 121 -19.74 26.60 -22.55
C GLN A 121 -18.92 27.77 -22.02
N TYR A 122 -17.73 27.46 -21.49
CA TYR A 122 -16.86 28.43 -20.90
C TYR A 122 -15.49 28.39 -21.55
N PRO A 123 -15.41 28.80 -22.84
CA PRO A 123 -14.19 28.56 -23.60
C PRO A 123 -12.97 29.33 -23.17
N ASP A 124 -13.16 30.41 -22.41
CA ASP A 124 -12.07 31.22 -21.89
C ASP A 124 -11.57 30.74 -20.52
N TYR A 125 -12.23 29.76 -19.93
CA TYR A 125 -11.84 29.28 -18.58
C TYR A 125 -10.68 28.32 -18.69
N ALA A 126 -9.81 28.36 -17.70
CA ALA A 126 -8.76 27.36 -17.60
C ALA A 126 -9.36 26.01 -17.30
N LEU A 127 -8.74 24.96 -17.83
CA LEU A 127 -9.11 23.60 -17.51
C LEU A 127 -8.10 23.09 -16.51
N THR A 128 -8.46 23.13 -15.24
CA THR A 128 -7.55 22.73 -14.19
C THR A 128 -7.85 21.30 -13.74
N VAL A 129 -6.81 20.51 -13.52
CA VAL A 129 -6.99 19.12 -13.11
C VAL A 129 -6.17 18.96 -11.84
N THR A 130 -6.72 18.28 -10.86
CA THR A 130 -6.02 18.14 -9.57
C THR A 130 -6.38 16.85 -8.82
N GLY A 131 -5.51 16.52 -7.88
CA GLY A 131 -5.68 15.37 -7.00
C GLY A 131 -4.49 15.10 -6.11
N HIS A 132 -4.72 14.24 -5.13
CA HIS A 132 -3.72 13.80 -4.17
C HIS A 132 -3.51 12.28 -4.34
N SER A 133 -2.24 11.89 -4.32
CA SER A 133 -1.84 10.48 -4.28
C SER A 133 -2.33 9.78 -5.56
N LEU A 134 -3.13 8.71 -5.47
CA LEU A 134 -3.69 8.07 -6.67
C LEU A 134 -4.46 9.10 -7.50
N GLY A 135 -5.14 10.03 -6.83
CA GLY A 135 -5.87 11.14 -7.51
C GLY A 135 -4.94 12.05 -8.29
N ALA A 136 -3.69 12.19 -7.82
CA ALA A 136 -2.67 13.02 -8.49
C ALA A 136 -2.22 12.38 -9.81
N SER A 137 -2.05 11.06 -9.80
CA SER A 137 -1.68 10.34 -11.04
C SER A 137 -2.89 10.30 -12.01
N MET A 138 -4.09 10.09 -11.47
CA MET A 138 -5.30 10.20 -12.28
C MET A 138 -5.39 11.57 -12.91
N ALA A 139 -5.07 12.60 -12.14
CA ALA A 139 -5.02 13.97 -12.68
C ALA A 139 -3.97 14.12 -13.77
N ALA A 140 -2.78 13.55 -13.55
CA ALA A 140 -1.73 13.61 -14.58
C ALA A 140 -2.14 12.98 -15.91
N LEU A 141 -2.73 11.77 -15.87
CA LEU A 141 -3.11 11.03 -17.08
C LEU A 141 -4.22 11.82 -17.79
N THR A 142 -5.13 12.36 -16.96
CA THR A 142 -6.25 13.16 -17.48
C THR A 142 -5.77 14.45 -18.16
N ALA A 143 -4.88 15.19 -17.52
CA ALA A 143 -4.30 16.40 -18.06
C ALA A 143 -3.52 16.13 -19.32
N ALA A 144 -2.76 15.03 -19.36
CA ALA A 144 -2.04 14.67 -20.57
C ALA A 144 -3.03 14.54 -21.74
N GLN A 145 -4.09 13.79 -21.50
CA GLN A 145 -5.10 13.53 -22.53
C GLN A 145 -5.78 14.80 -22.96
N LEU A 146 -6.20 15.61 -21.98
CA LEU A 146 -6.85 16.88 -22.29
C LEU A 146 -5.96 17.86 -23.09
N SER A 147 -4.68 17.88 -22.76
CA SER A 147 -3.72 18.80 -23.41
C SER A 147 -3.57 18.58 -24.91
N ALA A 148 -3.92 17.41 -25.43
CA ALA A 148 -3.85 17.19 -26.86
C ALA A 148 -5.00 17.88 -27.57
N THR A 149 -6.09 18.15 -26.85
CA THR A 149 -7.29 18.76 -27.47
C THR A 149 -7.45 20.22 -27.08
N TYR A 150 -7.02 20.60 -25.87
CA TYR A 150 -7.28 21.95 -25.36
C TYR A 150 -5.96 22.65 -25.03
N ASP A 151 -5.85 23.96 -25.30
CA ASP A 151 -4.59 24.68 -25.05
C ASP A 151 -4.45 25.32 -23.65
N ASN A 152 -5.50 25.23 -22.83
CA ASN A 152 -5.49 25.94 -21.55
C ASN A 152 -5.63 25.01 -20.36
N VAL A 153 -4.95 23.85 -20.42
CA VAL A 153 -4.99 22.88 -19.36
C VAL A 153 -3.90 23.23 -18.32
N ARG A 154 -4.23 23.02 -17.05
CA ARG A 154 -3.39 23.33 -15.91
C ARG A 154 -3.44 22.13 -14.99
N LEU A 155 -2.33 21.77 -14.36
CA LEU A 155 -2.26 20.56 -13.54
C LEU A 155 -1.58 20.86 -12.21
N TYR A 156 -2.29 20.60 -11.11
CA TYR A 156 -1.75 20.70 -9.76
C TYR A 156 -1.83 19.34 -9.09
N THR A 157 -0.71 18.76 -8.70
CA THR A 157 -0.73 17.41 -8.07
C THR A 157 -0.06 17.52 -6.71
N PHE A 158 -0.50 16.68 -5.81
CA PHE A 158 -0.04 16.64 -4.43
C PHE A 158 0.33 15.20 -4.11
N GLY A 159 1.56 14.97 -3.67
CA GLY A 159 2.03 13.62 -3.32
C GLY A 159 1.91 12.68 -4.49
N GLU A 160 2.18 13.18 -5.69
CA GLU A 160 2.07 12.35 -6.91
C GLU A 160 3.18 11.28 -7.03
N PRO A 161 2.78 10.02 -7.24
CA PRO A 161 3.68 8.98 -7.70
C PRO A 161 4.38 9.37 -9.02
N ARG A 162 5.45 8.68 -9.37
CA ARG A 162 5.95 8.75 -10.73
C ARG A 162 4.87 8.10 -11.63
N SER A 163 4.30 8.89 -12.52
CA SER A 163 3.08 8.45 -13.21
C SER A 163 3.37 7.68 -14.50
N GLY A 164 4.59 7.72 -14.99
CA GLY A 164 4.95 7.05 -16.22
C GLY A 164 6.45 7.09 -16.50
N ASN A 165 6.80 6.73 -17.72
CA ASN A 165 8.19 6.71 -18.17
C ASN A 165 8.67 8.08 -18.65
N GLN A 166 9.95 8.15 -19.03
CA GLN A 166 10.54 9.45 -19.42
C GLN A 166 9.86 10.04 -20.65
N ALA A 167 9.50 9.19 -21.60
CA ALA A 167 8.71 9.64 -22.76
C ALA A 167 7.44 10.39 -22.32
N PHE A 168 6.69 9.80 -21.40
CA PHE A 168 5.47 10.41 -20.85
C PHE A 168 5.79 11.72 -20.13
N ALA A 169 6.81 11.70 -19.28
CA ALA A 169 7.23 12.91 -18.56
C ALA A 169 7.65 14.01 -19.54
N SER A 170 8.37 13.65 -20.60
CA SER A 170 8.82 14.65 -21.54
C SER A 170 7.69 15.25 -22.35
N TYR A 171 6.71 14.40 -22.68
CA TYR A 171 5.49 14.87 -23.34
C TYR A 171 4.78 15.87 -22.47
N MET A 172 4.66 15.57 -21.19
CA MET A 172 3.95 16.48 -20.30
CA MET A 172 3.98 16.46 -20.23
C MET A 172 4.75 17.78 -20.09
N ASN A 173 6.08 17.66 -19.99
CA ASN A 173 6.93 18.83 -19.82
C ASN A 173 6.79 19.80 -21.00
N ASP A 174 6.74 19.25 -22.22
CA ASP A 174 6.49 20.06 -23.41
C ASP A 174 5.10 20.68 -23.38
N ALA A 175 4.10 19.85 -23.13
CA ALA A 175 2.73 20.35 -23.19
C ALA A 175 2.51 21.45 -22.17
N PHE A 176 3.09 21.28 -20.98
CA PHE A 176 2.84 22.21 -19.84
C PHE A 176 3.94 23.25 -19.59
N GLN A 177 4.81 23.45 -20.58
CA GLN A 177 5.77 24.59 -20.56
C GLN A 177 6.65 24.53 -19.34
N VAL A 178 7.11 23.34 -19.00
CA VAL A 178 7.79 23.11 -17.73
C VAL A 178 9.24 23.61 -17.69
N SER A 179 9.80 23.85 -18.85
CA SER A 179 11.20 24.35 -19.00
C SER A 179 11.54 25.60 -18.16
N SER A 180 10.53 26.39 -17.77
CA SER A 180 10.73 27.46 -16.81
C SER A 180 9.61 27.46 -15.77
N PRO A 181 9.95 27.68 -14.48
CA PRO A 181 8.88 27.88 -13.48
C PRO A 181 8.05 29.12 -13.79
N GLU A 182 8.59 30.03 -14.58
CA GLU A 182 7.84 31.21 -14.99
C GLU A 182 6.70 30.88 -15.96
N THR A 183 6.82 29.78 -16.70
CA THR A 183 5.83 29.42 -17.70
C THR A 183 5.04 28.15 -17.35
N THR A 184 5.52 27.39 -16.38
CA THR A 184 4.95 26.08 -16.13
C THR A 184 3.45 26.11 -15.84
N GLN A 185 2.74 25.12 -16.37
CA GLN A 185 1.34 24.93 -16.10
C GLN A 185 1.14 23.61 -15.39
N TYR A 186 2.27 23.00 -14.97
CA TYR A 186 2.27 21.76 -14.19
C TYR A 186 3.06 22.00 -12.89
N PHE A 187 2.31 22.01 -11.78
CA PHE A 187 2.80 22.28 -10.43
C PHE A 187 2.75 20.95 -9.67
N ARG A 188 3.91 20.30 -9.55
CA ARG A 188 4.04 19.02 -8.89
C ARG A 188 4.43 19.26 -7.44
N VAL A 189 3.42 19.26 -6.57
CA VAL A 189 3.61 19.68 -5.20
C VAL A 189 3.98 18.47 -4.33
N THR A 190 5.03 18.62 -3.55
CA THR A 190 5.50 17.58 -2.65
C THR A 190 5.62 18.20 -1.26
N HIS A 191 5.72 17.35 -0.25
CA HIS A 191 5.81 17.82 1.13
C HIS A 191 6.87 17.06 1.87
N SER A 192 7.86 17.80 2.41
CA SER A 192 8.89 17.29 3.31
C SER A 192 9.42 15.91 2.82
N ASN A 193 9.22 14.86 3.59
CA ASN A 193 9.76 13.54 3.27
C ASN A 193 8.67 12.56 2.80
N ASP A 194 7.65 13.09 2.11
CA ASP A 194 6.61 12.26 1.54
C ASP A 194 7.28 11.10 0.80
N GLY A 195 6.89 9.86 1.11
CA GLY A 195 7.51 8.69 0.44
C GLY A 195 6.96 8.43 -0.97
N ILE A 196 5.75 8.88 -1.25
CA ILE A 196 5.06 8.49 -2.46
C ILE A 196 5.70 9.03 -3.75
N PRO A 197 6.14 10.31 -3.78
CA PRO A 197 6.92 10.75 -4.95
C PRO A 197 8.22 9.96 -5.28
N ASN A 198 8.65 9.05 -4.41
CA ASN A 198 9.73 8.14 -4.73
C ASN A 198 9.30 6.81 -5.36
N LEU A 199 7.99 6.65 -5.54
CA LEU A 199 7.42 5.38 -6.05
C LEU A 199 6.58 5.64 -7.30
N PRO A 200 6.59 4.70 -8.26
CA PRO A 200 7.54 3.61 -8.34
C PRO A 200 8.99 4.12 -8.50
N PRO A 201 9.99 3.30 -8.15
CA PRO A 201 11.38 3.74 -8.30
C PRO A 201 11.74 4.07 -9.75
N ALA A 202 12.57 5.09 -9.91
CA ALA A 202 13.09 5.48 -11.22
C ALA A 202 13.74 4.28 -11.91
N GLU A 203 14.40 3.41 -11.13
CA GLU A 203 15.12 2.28 -11.75
C GLU A 203 14.17 1.28 -12.43
N GLN A 204 12.87 1.35 -12.15
CA GLN A 204 11.89 0.54 -12.86
C GLN A 204 11.38 1.18 -14.18
N GLY A 205 12.00 2.29 -14.59
CA GLY A 205 11.71 2.90 -15.86
C GLY A 205 10.74 4.05 -15.77
N TYR A 206 10.62 4.58 -14.55
CA TYR A 206 9.68 5.65 -14.24
C TYR A 206 10.39 6.98 -14.08
N ALA A 207 9.70 8.08 -14.38
CA ALA A 207 10.23 9.44 -14.25
C ALA A 207 9.11 10.44 -13.88
N HIS A 208 9.45 11.46 -13.11
CA HIS A 208 8.55 12.57 -12.86
C HIS A 208 8.74 13.61 -13.97
N GLY A 209 7.64 14.29 -14.30
CA GLY A 209 7.67 15.55 -15.02
C GLY A 209 7.21 16.69 -14.09
N GLY A 210 6.99 17.86 -14.67
CA GLY A 210 6.56 19.02 -13.90
C GLY A 210 7.67 19.77 -13.20
N VAL A 211 7.33 20.96 -12.69
CA VAL A 211 8.18 21.69 -11.77
C VAL A 211 7.77 21.25 -10.37
N GLU A 212 8.75 20.86 -9.55
CA GLU A 212 8.45 20.42 -8.19
C GLU A 212 8.41 21.64 -7.26
N TYR A 213 7.31 21.73 -6.52
CA TYR A 213 7.09 22.73 -5.47
C TYR A 213 7.12 21.95 -4.16
N TRP A 214 8.23 22.11 -3.45
CA TRP A 214 8.55 21.29 -2.26
C TRP A 214 8.25 22.08 -0.98
N SER A 215 7.14 21.72 -0.34
CA SER A 215 6.71 22.35 0.91
C SER A 215 7.45 21.73 2.09
N VAL A 216 8.26 22.55 2.75
CA VAL A 216 8.97 22.18 3.98
C VAL A 216 8.26 22.85 5.17
N ASP A 217 8.30 22.21 6.34
CA ASP A 217 7.57 22.69 7.50
C ASP A 217 8.45 23.76 8.18
N PRO A 218 7.83 24.80 8.80
CA PRO A 218 6.41 25.04 8.79
C PRO A 218 5.96 25.62 7.48
N TYR A 219 4.88 25.09 6.94
CA TYR A 219 4.46 25.40 5.59
C TYR A 219 4.08 26.87 5.45
N SER A 220 4.53 27.44 4.34
CA SER A 220 4.34 28.85 4.00
C SER A 220 4.83 29.10 2.57
N ALA A 221 4.46 30.25 2.02
CA ALA A 221 5.00 30.69 0.73
C ALA A 221 6.52 30.75 0.83
N GLN A 222 7.03 31.32 1.92
CA GLN A 222 8.48 31.46 2.05
C GLN A 222 9.19 30.11 2.18
N ASN A 223 8.50 29.12 2.73
CA ASN A 223 9.05 27.78 2.96
C ASN A 223 8.65 26.72 1.94
N THR A 224 8.34 27.18 0.73
CA THR A 224 8.15 26.27 -0.39
C THR A 224 9.28 26.50 -1.40
N PHE A 225 10.01 25.44 -1.70
CA PHE A 225 11.12 25.47 -2.64
C PHE A 225 10.59 25.13 -4.05
N VAL A 226 11.22 25.73 -5.05
CA VAL A 226 11.00 25.45 -6.46
C VAL A 226 12.19 24.66 -6.97
N CYS A 227 11.96 23.40 -7.35
CA CYS A 227 13.05 22.46 -7.70
C CYS A 227 12.89 22.06 -9.15
N THR A 228 13.94 22.33 -9.93
CA THR A 228 13.89 22.02 -11.36
C THR A 228 14.98 21.01 -11.73
N GLY A 229 14.76 20.34 -12.85
CA GLY A 229 15.74 19.42 -13.39
C GLY A 229 15.45 18.01 -12.96
N ASP A 230 16.35 17.12 -13.31
CA ASP A 230 16.13 15.70 -13.15
C ASP A 230 17.06 15.05 -12.16
N GLU A 231 17.91 15.86 -11.50
CA GLU A 231 18.74 15.37 -10.42
C GLU A 231 17.93 15.09 -9.15
N VAL A 232 18.49 14.25 -8.27
CA VAL A 232 17.84 13.90 -6.99
C VAL A 232 18.03 15.05 -6.01
N GLN A 233 16.92 15.62 -5.58
CA GLN A 233 16.92 16.72 -4.64
C GLN A 233 15.48 16.91 -4.16
N CYS A 234 15.31 17.75 -3.13
CA CYS A 234 14.00 18.12 -2.61
C CYS A 234 13.31 16.86 -2.08
N CYS A 235 12.02 16.65 -2.36
CA CYS A 235 11.32 15.54 -1.71
C CYS A 235 12.02 14.20 -1.99
N GLU A 236 12.48 14.03 -3.23
CA GLU A 236 13.08 12.75 -3.66
C GLU A 236 14.43 12.43 -3.04
N ALA A 237 15.06 13.40 -2.35
CA ALA A 237 16.33 13.19 -1.62
C ALA A 237 16.12 12.87 -0.12
N GLN A 238 14.88 12.91 0.35
CA GLN A 238 14.63 12.84 1.81
C GLN A 238 14.51 11.42 2.37
N GLY A 239 14.42 10.42 1.50
CA GLY A 239 14.43 9.03 1.96
C GLY A 239 13.10 8.58 2.57
N GLY A 240 12.02 9.34 2.33
CA GLY A 240 10.69 8.93 2.86
C GLY A 240 10.29 7.58 2.31
N GLN A 241 9.65 6.77 3.17
CA GLN A 241 9.19 5.41 2.82
C GLN A 241 7.67 5.35 2.74
N GLY A 242 7.15 5.19 1.52
CA GLY A 242 5.74 4.91 1.31
C GLY A 242 4.81 5.96 1.87
N VAL A 243 3.68 5.50 2.42
CA VAL A 243 2.68 6.38 2.99
C VAL A 243 3.18 6.73 4.38
N ASN A 244 3.48 8.00 4.60
CA ASN A 244 3.94 8.47 5.89
C ASN A 244 3.15 9.72 6.23
N ASP A 245 3.33 10.28 7.43
CA ASP A 245 2.56 11.44 7.81
C ASP A 245 2.67 12.59 6.82
N ALA A 246 3.87 12.79 6.24
CA ALA A 246 4.08 13.86 5.25
C ALA A 246 3.21 13.67 4.03
N HIS A 247 2.98 12.40 3.65
CA HIS A 247 2.13 12.13 2.49
C HIS A 247 0.68 12.53 2.73
N THR A 248 0.16 12.24 3.92
CA THR A 248 -1.28 12.39 4.19
C THR A 248 -1.69 13.83 4.50
N THR A 249 -0.71 14.69 4.78
CA THR A 249 -0.98 16.03 5.33
C THR A 249 -0.24 17.08 4.52
N TYR A 250 -0.95 17.77 3.64
CA TYR A 250 -0.40 18.81 2.77
C TYR A 250 -0.95 20.17 3.21
N PHE A 251 -0.08 21.16 3.43
CA PHE A 251 -0.52 22.47 3.97
C PHE A 251 -1.41 22.33 5.22
N GLY A 252 -1.03 21.36 6.08
CA GLY A 252 -1.75 21.10 7.32
C GLY A 252 -3.06 20.37 7.19
N MET A 253 -3.45 20.00 5.97
CA MET A 253 -4.71 19.34 5.71
C MET A 253 -4.51 17.86 5.45
N THR A 254 -5.09 17.05 6.32
CA THR A 254 -5.01 15.60 6.22
C THR A 254 -6.19 15.07 5.38
N SER A 255 -5.89 14.11 4.53
CA SER A 255 -6.90 13.55 3.62
C SER A 255 -8.19 13.21 4.36
N GLY A 256 -9.30 13.77 3.89
CA GLY A 256 -10.62 13.51 4.47
C GLY A 256 -10.93 14.02 5.85
N ALA A 257 -10.07 14.87 6.41
CA ALA A 257 -10.24 15.35 7.79
C ALA A 257 -11.43 16.30 7.96
N CYS A 258 -11.67 17.13 6.95
CA CYS A 258 -12.79 18.10 6.94
C CYS A 258 -12.74 19.13 8.06
N THR A 259 -11.54 19.41 8.55
CA THR A 259 -11.37 20.36 9.66
C THR A 259 -10.84 21.71 9.15
N TRP A 260 -10.87 21.87 7.84
CA TRP A 260 -10.64 23.15 7.16
C TRP A 260 -11.99 23.79 6.85
N ALA B 1 13.32 -26.98 -5.52
CA ALA B 1 12.44 -28.19 -5.54
C ALA B 1 10.99 -27.83 -5.22
N SER B 2 10.06 -28.40 -5.99
CA SER B 2 8.62 -28.28 -5.70
C SER B 2 7.90 -29.60 -6.00
N THR B 3 7.13 -30.10 -5.03
CA THR B 3 6.29 -31.28 -5.25
C THR B 3 4.84 -30.85 -5.18
N GLN B 4 3.99 -31.58 -5.90
CA GLN B 4 2.59 -31.22 -5.95
C GLN B 4 1.75 -32.09 -5.04
N GLY B 5 0.96 -31.45 -4.17
CA GLY B 5 0.01 -32.15 -3.34
C GLY B 5 0.42 -32.24 -1.90
N ILE B 6 -0.55 -32.01 -1.01
CA ILE B 6 -0.35 -32.22 0.42
C ILE B 6 -1.47 -33.11 0.96
N SER B 7 -1.29 -33.58 2.19
CA SER B 7 -2.31 -34.41 2.85
C SER B 7 -3.58 -33.59 3.12
N GLU B 8 -4.73 -34.26 3.18
CA GLU B 8 -5.97 -33.57 3.53
C GLU B 8 -5.85 -33.03 4.93
N ASP B 9 -5.19 -33.74 5.83
CA ASP B 9 -4.98 -33.20 7.18
C ASP B 9 -4.20 -31.89 7.19
N LEU B 10 -3.12 -31.82 6.41
CA LEU B 10 -2.36 -30.57 6.37
C LEU B 10 -3.19 -29.50 5.69
N TYR B 11 -3.83 -29.83 4.58
CA TYR B 11 -4.69 -28.87 3.86
C TYR B 11 -5.75 -28.29 4.80
N ASN B 12 -6.43 -29.16 5.54
CA ASN B 12 -7.44 -28.73 6.51
C ASN B 12 -6.89 -27.77 7.55
N ARG B 13 -5.67 -28.05 8.00
CA ARG B 13 -4.99 -27.20 8.92
C ARG B 13 -4.71 -25.79 8.31
N LEU B 14 -4.18 -25.77 7.08
CA LEU B 14 -3.90 -24.54 6.39
C LEU B 14 -5.18 -23.75 6.20
N VAL B 15 -6.27 -24.43 5.86
CA VAL B 15 -7.56 -23.75 5.66
C VAL B 15 -8.09 -23.18 6.98
N GLU B 16 -7.90 -23.91 8.08
CA GLU B 16 -8.34 -23.42 9.40
C GLU B 16 -7.62 -22.13 9.76
N MET B 17 -6.31 -22.14 9.59
CA MET B 17 -5.49 -20.99 9.96
C MET B 17 -5.75 -19.83 8.98
N ALA B 18 -6.02 -20.11 7.70
CA ALA B 18 -6.43 -19.06 6.76
C ALA B 18 -7.74 -18.42 7.20
N THR B 19 -8.67 -19.26 7.71
CA THR B 19 -9.96 -18.78 8.17
C THR B 19 -9.80 -17.79 9.32
N ILE B 20 -9.02 -18.17 10.30
CA ILE B 20 -8.80 -17.33 11.49
C ILE B 20 -8.10 -16.05 11.08
N SER B 21 -7.14 -16.17 10.18
CA SER B 21 -6.43 -15.00 9.68
C SER B 21 -7.33 -14.02 8.95
N GLN B 22 -8.20 -14.53 8.07
CA GLN B 22 -9.10 -13.68 7.30
C GLN B 22 -10.26 -13.14 8.14
N ALA B 23 -10.68 -13.91 9.14
CA ALA B 23 -11.70 -13.46 10.11
C ALA B 23 -11.18 -12.39 11.08
N ALA B 24 -9.87 -12.30 11.26
CA ALA B 24 -9.28 -11.27 12.14
C ALA B 24 -9.62 -9.86 11.68
N TYR B 25 -9.96 -9.70 10.40
CA TYR B 25 -10.40 -8.40 9.89
C TYR B 25 -11.84 -7.98 10.24
N ALA B 26 -12.63 -8.92 10.75
CA ALA B 26 -14.05 -8.70 11.05
C ALA B 26 -14.44 -9.40 12.38
N ASP B 27 -13.66 -9.06 13.40
CA ASP B 27 -13.89 -9.52 14.77
CA ASP B 27 -13.86 -9.52 14.78
C ASP B 27 -14.06 -11.05 14.88
N LEU B 28 -13.22 -11.80 14.16
CA LEU B 28 -13.18 -13.25 14.22
C LEU B 28 -14.54 -13.88 13.94
N CYS B 29 -15.26 -13.31 12.98
CA CYS B 29 -16.49 -13.93 12.50
C CYS B 29 -16.30 -15.37 12.03
N ASN B 30 -17.17 -16.28 12.49
CA ASN B 30 -17.31 -17.61 11.94
C ASN B 30 -16.03 -18.44 11.94
N ILE B 31 -15.28 -18.35 13.04
CA ILE B 31 -14.13 -19.22 13.23
C ILE B 31 -14.61 -20.55 13.84
N PRO B 32 -13.79 -21.63 13.72
CA PRO B 32 -14.19 -22.91 14.35
C PRO B 32 -14.75 -22.85 15.78
N SER B 33 -15.80 -23.65 16.03
CA SER B 33 -16.51 -23.62 17.32
C SER B 33 -15.71 -24.30 18.45
N THR B 34 -14.62 -24.97 18.11
CA THR B 34 -13.74 -25.57 19.14
C THR B 34 -12.81 -24.51 19.74
N ILE B 35 -12.87 -23.28 19.25
CA ILE B 35 -11.99 -22.20 19.71
C ILE B 35 -12.73 -21.27 20.68
N ILE B 36 -12.11 -20.99 21.83
CA ILE B 36 -12.62 -19.94 22.71
CA ILE B 36 -12.59 -19.95 22.74
C ILE B 36 -11.77 -18.69 22.49
N LYS B 37 -12.46 -17.59 22.21
CA LYS B 37 -11.80 -16.34 21.98
C LYS B 37 -11.37 -15.73 23.31
N GLY B 38 -10.12 -15.33 23.38
CA GLY B 38 -9.53 -14.81 24.61
C GLY B 38 -9.26 -13.33 24.45
N GLU B 39 -8.12 -12.90 25.00
CA GLU B 39 -7.78 -11.50 25.13
C GLU B 39 -7.43 -10.85 23.82
N LYS B 40 -7.86 -9.59 23.67
CA LYS B 40 -7.53 -8.78 22.50
C LYS B 40 -6.14 -8.15 22.65
N ILE B 41 -5.36 -8.21 21.58
CA ILE B 41 -4.08 -7.49 21.48
C ILE B 41 -4.38 -6.20 20.74
N TYR B 42 -3.94 -5.06 21.26
CA TYR B 42 -4.29 -3.76 20.62
C TYR B 42 -3.30 -2.69 21.00
N ASN B 43 -2.91 -1.90 20.02
CA ASN B 43 -2.17 -0.66 20.26
C ASN B 43 -2.74 0.36 19.34
N ALA B 44 -3.30 1.41 19.92
CA ALA B 44 -3.95 2.49 19.14
C ALA B 44 -2.96 3.31 18.29
N GLN B 45 -1.70 3.43 18.71
CA GLN B 45 -0.71 4.22 17.97
CA GLN B 45 -0.74 4.22 17.94
C GLN B 45 -0.37 3.58 16.61
N THR B 46 -0.20 2.28 16.61
CA THR B 46 0.15 1.54 15.42
C THR B 46 -1.05 0.84 14.81
N ASP B 47 -2.17 0.87 15.51
CA ASP B 47 -3.38 0.12 15.11
C ASP B 47 -3.11 -1.35 14.84
N ILE B 48 -2.27 -1.97 15.69
CA ILE B 48 -2.05 -3.41 15.62
C ILE B 48 -3.19 -4.03 16.38
N ASN B 49 -3.90 -4.95 15.71
CA ASN B 49 -5.01 -5.69 16.30
C ASN B 49 -4.75 -7.19 16.18
N GLY B 50 -4.98 -7.92 17.26
CA GLY B 50 -4.94 -9.39 17.23
C GLY B 50 -5.68 -9.96 18.42
N TRP B 51 -5.60 -11.28 18.57
CA TRP B 51 -6.22 -11.97 19.69
C TRP B 51 -5.36 -13.15 20.09
N ILE B 52 -5.52 -13.52 21.35
CA ILE B 52 -5.12 -14.84 21.82
CA ILE B 52 -5.12 -14.81 21.87
C ILE B 52 -6.38 -15.71 21.92
N LEU B 53 -6.24 -16.93 21.41
CA LEU B 53 -7.33 -17.89 21.28
C LEU B 53 -6.87 -19.20 21.87
N ARG B 54 -7.81 -20.04 22.34
CA ARG B 54 -7.42 -21.37 22.80
C ARG B 54 -8.37 -22.41 22.26
N ASP B 55 -7.80 -23.52 21.80
CA ASP B 55 -8.60 -24.66 21.36
C ASP B 55 -8.28 -25.85 22.25
N ASP B 56 -9.23 -26.23 23.08
CA ASP B 56 -9.03 -27.30 24.05
C ASP B 56 -9.13 -28.68 23.42
N THR B 57 -9.57 -28.76 22.17
CA THR B 57 -9.63 -30.03 21.47
C THR B 57 -8.30 -30.33 20.79
N SER B 58 -7.77 -29.37 20.05
CA SER B 58 -6.46 -29.54 19.42
C SER B 58 -5.31 -29.19 20.36
N LYS B 59 -5.63 -28.64 21.54
CA LYS B 59 -4.66 -28.34 22.57
C LYS B 59 -3.63 -27.33 22.11
N GLU B 60 -4.11 -26.16 21.70
CA GLU B 60 -3.21 -25.13 21.28
C GLU B 60 -3.74 -23.78 21.69
N ILE B 61 -2.80 -22.86 21.90
CA ILE B 61 -3.05 -21.45 22.18
C ILE B 61 -2.64 -20.76 20.87
N ILE B 62 -3.57 -20.08 20.24
CA ILE B 62 -3.34 -19.49 18.95
C ILE B 62 -3.24 -17.96 19.11
N THR B 63 -2.19 -17.36 18.60
CA THR B 63 -2.07 -15.89 18.54
C THR B 63 -2.28 -15.47 17.07
N VAL B 64 -3.30 -14.64 16.83
CA VAL B 64 -3.59 -14.20 15.46
C VAL B 64 -3.49 -12.69 15.41
N PHE B 65 -2.84 -12.19 14.36
CA PHE B 65 -2.79 -10.77 14.02
C PHE B 65 -3.62 -10.49 12.79
N ARG B 66 -4.39 -9.43 12.88
CA ARG B 66 -5.03 -8.81 11.70
C ARG B 66 -4.00 -8.13 10.81
N GLY B 67 -4.14 -8.35 9.49
CA GLY B 67 -3.53 -7.47 8.52
C GLY B 67 -4.03 -6.06 8.43
N THR B 68 -3.67 -5.39 7.34
CA THR B 68 -3.99 -3.96 7.19
C THR B 68 -5.49 -3.67 7.18
N GLY B 69 -5.96 -2.82 8.10
CA GLY B 69 -7.34 -2.35 8.15
C GLY B 69 -7.47 -0.87 8.39
N SER B 70 -6.39 -0.12 8.13
CA SER B 70 -6.36 1.32 8.35
C SER B 70 -5.17 1.93 7.64
N ASP B 71 -5.25 3.23 7.38
CA ASP B 71 -4.11 3.98 6.86
C ASP B 71 -2.91 3.95 7.78
N THR B 72 -3.14 3.88 9.08
CA THR B 72 -2.04 3.67 10.02
C THR B 72 -1.29 2.37 9.74
N ASN B 73 -2.01 1.26 9.60
CA ASN B 73 -1.36 0.00 9.19
C ASN B 73 -0.64 0.13 7.83
N LEU B 74 -1.21 0.86 6.88
CA LEU B 74 -0.58 1.03 5.55
C LEU B 74 0.76 1.75 5.68
N GLN B 75 0.86 2.62 6.67
CA GLN B 75 2.15 3.29 6.95
CA GLN B 75 2.12 3.30 6.96
C GLN B 75 3.17 2.26 7.38
N LEU B 76 2.75 1.28 8.16
CA LEU B 76 3.66 0.21 8.56
C LEU B 76 4.02 -0.66 7.36
N ASP B 77 3.00 -1.12 6.63
CA ASP B 77 3.23 -1.98 5.45
C ASP B 77 4.30 -1.41 4.52
N THR B 78 4.27 -0.10 4.28
CA THR B 78 5.08 0.55 3.25
C THR B 78 6.43 1.14 3.72
N ASN B 79 6.83 0.81 4.95
CA ASN B 79 8.16 1.17 5.46
C ASN B 79 9.13 0.02 5.28
N TYR B 80 9.92 0.07 4.21
CA TYR B 80 10.85 -1.00 3.88
C TYR B 80 12.26 -0.85 4.45
N THR B 81 12.46 0.05 5.41
CA THR B 81 13.78 0.30 5.99
C THR B 81 14.16 -0.92 6.83
N LEU B 82 15.24 -1.61 6.47
CA LEU B 82 15.71 -2.75 7.25
C LEU B 82 16.18 -2.24 8.62
N THR B 83 15.77 -2.94 9.69
CA THR B 83 16.00 -2.51 11.06
CA THR B 83 16.06 -2.50 11.05
C THR B 83 16.52 -3.68 11.91
N PRO B 84 17.62 -3.49 12.65
CA PRO B 84 18.03 -4.61 13.48
C PRO B 84 16.95 -5.11 14.40
N PHE B 85 16.87 -6.44 14.53
CA PHE B 85 15.83 -7.10 15.32
C PHE B 85 16.23 -7.14 16.78
N ASP B 86 16.26 -5.96 17.38
CA ASP B 86 16.94 -5.78 18.64
C ASP B 86 16.21 -6.36 19.82
N THR B 87 14.94 -6.70 19.65
CA THR B 87 14.22 -7.43 20.70
C THR B 87 14.73 -8.86 20.88
N LEU B 88 15.38 -9.39 19.86
CA LEU B 88 15.90 -10.74 19.85
C LEU B 88 17.35 -10.68 19.36
N PRO B 89 18.24 -10.16 20.22
CA PRO B 89 19.62 -9.97 19.83
C PRO B 89 20.40 -11.27 19.55
N GLN B 90 19.92 -12.39 20.06
CA GLN B 90 20.54 -13.67 19.76
C GLN B 90 20.39 -14.06 18.28
N CYS B 91 19.51 -13.37 17.56
CA CYS B 91 19.36 -13.48 16.10
C CYS B 91 20.47 -12.65 15.49
N ASN B 92 21.56 -13.32 15.13
CA ASN B 92 22.82 -12.63 14.81
C ASN B 92 22.76 -11.91 13.46
N ASP B 93 22.94 -10.58 13.51
CA ASP B 93 22.88 -9.72 12.32
C ASP B 93 21.53 -9.76 11.62
N CYS B 94 20.50 -10.11 12.36
CA CYS B 94 19.18 -10.15 11.79
C CYS B 94 18.63 -8.74 11.70
N GLU B 95 17.99 -8.48 10.56
CA GLU B 95 17.27 -7.23 10.35
C GLU B 95 15.91 -7.59 9.76
N VAL B 96 14.90 -6.80 10.14
CA VAL B 96 13.53 -7.04 9.75
C VAL B 96 12.95 -5.78 9.10
N HIS B 97 11.85 -6.00 8.39
CA HIS B 97 11.04 -4.94 7.79
C HIS B 97 10.78 -3.85 8.85
N GLY B 98 11.13 -2.61 8.55
CA GLY B 98 11.06 -1.55 9.56
C GLY B 98 9.67 -1.25 10.09
N GLY B 99 8.69 -1.27 9.21
CA GLY B 99 7.32 -0.99 9.60
C GLY B 99 6.76 -2.06 10.51
N TYR B 100 6.99 -3.30 10.13
CA TYR B 100 6.51 -4.43 10.94
C TYR B 100 7.26 -4.45 12.24
N TYR B 101 8.52 -4.01 12.23
CA TYR B 101 9.27 -3.96 13.50
C TYR B 101 8.61 -2.97 14.43
N ILE B 102 8.18 -1.83 13.91
CA ILE B 102 7.51 -0.81 14.72
C ILE B 102 6.17 -1.36 15.24
N GLY B 103 5.42 -2.03 14.39
CA GLY B 103 4.23 -2.74 14.87
C GLY B 103 4.53 -3.72 15.99
N TRP B 104 5.53 -4.56 15.75
CA TRP B 104 5.94 -5.53 16.78
C TRP B 104 6.34 -4.92 18.14
N ILE B 105 7.24 -3.93 18.15
CA ILE B 105 7.70 -3.41 19.43
C ILE B 105 6.56 -2.74 20.15
N SER B 106 5.57 -2.24 19.39
CA SER B 106 4.43 -1.59 19.99
C SER B 106 3.52 -2.54 20.76
N VAL B 107 3.63 -3.84 20.53
CA VAL B 107 2.83 -4.82 21.27
C VAL B 107 3.63 -5.96 21.87
N GLN B 108 4.95 -5.98 21.71
CA GLN B 108 5.74 -7.14 22.19
C GLN B 108 5.41 -7.55 23.62
N ASP B 109 5.51 -6.60 24.54
CA ASP B 109 5.35 -6.95 25.95
C ASP B 109 3.94 -7.43 26.25
N GLN B 110 2.96 -6.81 25.61
CA GLN B 110 1.57 -7.19 25.75
C GLN B 110 1.35 -8.62 25.26
N VAL B 111 1.84 -8.92 24.08
CA VAL B 111 1.71 -10.26 23.51
C VAL B 111 2.38 -11.27 24.40
N GLU B 112 3.63 -11.03 24.77
CA GLU B 112 4.36 -12.00 25.59
C GLU B 112 3.66 -12.27 26.93
N SER B 113 3.08 -11.23 27.52
CA SER B 113 2.38 -11.35 28.80
CA SER B 113 2.38 -11.35 28.80
C SER B 113 1.10 -12.21 28.68
N LEU B 114 0.31 -11.93 27.65
CA LEU B 114 -0.94 -12.66 27.36
C LEU B 114 -0.65 -14.15 27.03
N VAL B 115 0.38 -14.39 26.22
CA VAL B 115 0.80 -15.78 25.93
C VAL B 115 1.33 -16.50 27.17
N LYS B 116 2.19 -15.82 27.94
CA LYS B 116 2.78 -16.39 29.16
C LYS B 116 1.68 -16.85 30.10
N GLN B 117 0.66 -16.01 30.23
CA GLN B 117 -0.45 -16.30 31.12
C GLN B 117 -1.14 -17.60 30.71
N GLN B 118 -1.57 -17.67 29.45
CA GLN B 118 -2.26 -18.89 28.99
C GLN B 118 -1.33 -20.11 28.99
N ALA B 119 -0.08 -19.93 28.58
CA ALA B 119 0.89 -21.04 28.53
C ALA B 119 1.16 -21.65 29.89
N SER B 120 1.28 -20.83 30.93
CA SER B 120 1.55 -21.37 32.27
C SER B 120 0.34 -22.17 32.80
N GLN B 121 -0.84 -21.76 32.37
CA GLN B 121 -2.10 -22.37 32.77
C GLN B 121 -2.40 -23.65 31.97
N TYR B 122 -1.91 -23.69 30.73
CA TYR B 122 -2.02 -24.86 29.87
C TYR B 122 -0.63 -25.23 29.32
N PRO B 123 0.28 -25.68 30.19
CA PRO B 123 1.71 -25.89 29.83
C PRO B 123 1.96 -26.92 28.74
N ASP B 124 1.01 -27.83 28.56
CA ASP B 124 1.18 -28.85 27.55
CA ASP B 124 1.05 -28.90 27.58
C ASP B 124 0.63 -28.45 26.18
N TYR B 125 -0.04 -27.31 26.08
CA TYR B 125 -0.58 -26.90 24.76
C TYR B 125 0.50 -26.34 23.82
N ALA B 126 0.35 -26.63 22.53
CA ALA B 126 1.18 -26.01 21.48
C ALA B 126 0.87 -24.51 21.38
N LEU B 127 1.87 -23.73 20.96
CA LEU B 127 1.68 -22.32 20.66
C LEU B 127 1.70 -22.14 19.15
N THR B 128 0.61 -21.60 18.61
CA THR B 128 0.47 -21.39 17.17
C THR B 128 0.37 -19.91 16.93
N VAL B 129 1.04 -19.41 15.88
CA VAL B 129 0.91 -17.99 15.52
C VAL B 129 0.50 -17.88 14.05
N THR B 130 -0.42 -16.99 13.74
CA THR B 130 -0.89 -16.87 12.37
C THR B 130 -1.32 -15.47 12.03
N GLY B 131 -1.40 -15.20 10.73
CA GLY B 131 -1.99 -13.97 10.22
C GLY B 131 -1.80 -13.90 8.74
N HIS B 132 -2.50 -12.92 8.15
CA HIS B 132 -2.45 -12.61 6.72
C HIS B 132 -1.86 -11.22 6.49
N SER B 133 -1.03 -11.13 5.45
CA SER B 133 -0.48 -9.85 4.97
C SER B 133 0.36 -9.17 6.07
N LEU B 134 0.05 -7.95 6.48
CA LEU B 134 0.78 -7.34 7.62
C LEU B 134 0.73 -8.27 8.83
N GLY B 135 -0.40 -8.96 9.01
CA GLY B 135 -0.63 -9.87 10.11
C GLY B 135 0.33 -11.05 10.06
N ALA B 136 0.67 -11.43 8.83
CA ALA B 136 1.57 -12.55 8.57
C ALA B 136 2.98 -12.17 9.05
N SER B 137 3.45 -10.98 8.70
CA SER B 137 4.76 -10.53 9.16
C SER B 137 4.78 -10.31 10.67
N MET B 138 3.68 -9.80 11.23
CA MET B 138 3.56 -9.71 12.70
C MET B 138 3.69 -11.08 13.39
N ALA B 139 3.03 -12.06 12.79
CA ALA B 139 3.07 -13.45 13.23
C ALA B 139 4.52 -13.96 13.17
N ALA B 140 5.23 -13.64 12.08
CA ALA B 140 6.62 -14.10 11.91
C ALA B 140 7.55 -13.54 12.96
N LEU B 141 7.48 -12.22 13.19
CA LEU B 141 8.30 -11.58 14.23
C LEU B 141 7.91 -12.14 15.59
N THR B 142 6.62 -12.30 15.84
CA THR B 142 6.13 -12.83 17.11
C THR B 142 6.64 -14.26 17.34
N ALA B 143 6.46 -15.10 16.32
CA ALA B 143 6.88 -16.51 16.39
C ALA B 143 8.40 -16.60 16.64
N ALA B 144 9.17 -15.74 15.97
CA ALA B 144 10.63 -15.68 16.17
C ALA B 144 10.97 -15.45 17.63
N GLN B 145 10.35 -14.41 18.18
CA GLN B 145 10.60 -14.06 19.57
C GLN B 145 10.19 -15.19 20.50
N LEU B 146 8.97 -15.71 20.32
CA LEU B 146 8.49 -16.81 21.17
C LEU B 146 9.35 -18.07 21.10
N SER B 147 9.94 -18.34 19.93
CA SER B 147 10.78 -19.54 19.75
C SER B 147 11.98 -19.57 20.68
N ALA B 148 12.39 -18.40 21.16
CA ALA B 148 13.57 -18.31 22.02
C ALA B 148 13.23 -18.70 23.45
N THR B 149 11.95 -18.70 23.79
CA THR B 149 11.47 -19.06 25.13
C THR B 149 10.72 -20.40 25.14
N TYR B 150 9.99 -20.72 24.08
CA TYR B 150 9.13 -21.89 24.05
C TYR B 150 9.56 -22.85 22.96
N ASP B 151 9.56 -24.15 23.25
CA ASP B 151 10.03 -25.14 22.27
C ASP B 151 8.96 -25.64 21.28
N ASN B 152 7.69 -25.35 21.53
CA ASN B 152 6.60 -25.94 20.76
C ASN B 152 5.81 -24.88 19.97
N VAL B 153 6.52 -24.04 19.23
CA VAL B 153 5.90 -22.95 18.42
C VAL B 153 5.75 -23.31 16.96
N ARG B 154 4.56 -23.02 16.39
CA ARG B 154 4.27 -23.24 14.98
C ARG B 154 3.77 -21.93 14.39
N LEU B 155 4.08 -21.73 13.12
CA LEU B 155 3.80 -20.50 12.40
C LEU B 155 3.12 -20.81 11.07
N TYR B 156 1.97 -20.19 10.84
CA TYR B 156 1.22 -20.32 9.60
C TYR B 156 1.00 -18.92 9.09
N THR B 157 1.61 -18.58 7.96
CA THR B 157 1.39 -17.25 7.38
C THR B 157 0.73 -17.33 6.01
N PHE B 158 -0.04 -16.29 5.69
CA PHE B 158 -0.74 -16.20 4.43
C PHE B 158 -0.47 -14.90 3.76
N GLY B 159 0.01 -14.95 2.54
CA GLY B 159 0.36 -13.70 1.83
C GLY B 159 1.45 -12.90 2.50
N GLU B 160 2.43 -13.57 3.10
CA GLU B 160 3.47 -12.92 3.89
C GLU B 160 4.47 -12.18 3.02
N PRO B 161 4.70 -10.87 3.30
CA PRO B 161 5.85 -10.18 2.72
C PRO B 161 7.14 -10.85 3.08
N ARG B 162 8.25 -10.43 2.49
CA ARG B 162 9.56 -10.84 2.99
C ARG B 162 9.72 -10.05 4.26
N SER B 163 9.84 -10.75 5.37
CA SER B 163 9.73 -10.09 6.67
C SER B 163 11.10 -9.58 7.15
N GLY B 164 12.19 -10.02 6.51
CA GLY B 164 13.51 -9.61 6.98
C GLY B 164 14.63 -10.04 6.05
N ASN B 165 15.85 -9.97 6.54
CA ASN B 165 17.02 -10.26 5.73
C ASN B 165 17.34 -11.76 5.76
N GLN B 166 18.38 -12.19 5.06
CA GLN B 166 18.70 -13.60 5.00
C GLN B 166 19.06 -14.15 6.38
N ALA B 167 19.75 -13.35 7.18
CA ALA B 167 20.09 -13.80 8.54
C ALA B 167 18.82 -14.13 9.34
N PHE B 168 17.79 -13.29 9.20
CA PHE B 168 16.52 -13.55 9.85
C PHE B 168 15.81 -14.78 9.28
N ALA B 169 15.75 -14.90 7.94
CA ALA B 169 15.24 -16.15 7.34
C ALA B 169 15.95 -17.41 7.82
N SER B 170 17.28 -17.36 7.92
CA SER B 170 18.06 -18.51 8.35
C SER B 170 17.79 -18.84 9.80
N TYR B 171 17.64 -17.82 10.64
CA TYR B 171 17.29 -18.01 12.04
C TYR B 171 15.95 -18.71 12.15
N MET B 172 14.96 -18.21 11.46
CA MET B 172 13.66 -18.86 11.45
CA MET B 172 13.63 -18.84 11.38
C MET B 172 13.71 -20.28 10.87
N ASN B 173 14.51 -20.50 9.82
CA ASN B 173 14.55 -21.86 9.22
C ASN B 173 15.11 -22.87 10.20
N ASP B 174 16.12 -22.46 10.95
CA ASP B 174 16.69 -23.32 11.99
CA ASP B 174 16.70 -23.30 12.00
C ASP B 174 15.70 -23.52 13.13
N ALA B 175 15.07 -22.43 13.58
CA ALA B 175 14.16 -22.51 14.73
C ALA B 175 12.94 -23.37 14.46
N PHE B 176 12.43 -23.31 13.24
CA PHE B 176 11.24 -24.02 12.91
C PHE B 176 11.47 -25.25 12.01
N GLN B 177 12.69 -25.76 12.00
CA GLN B 177 13.03 -27.04 11.35
C GLN B 177 12.59 -27.10 9.88
N VAL B 178 12.86 -26.03 9.17
CA VAL B 178 12.38 -25.85 7.81
C VAL B 178 13.14 -26.71 6.79
N SER B 179 14.28 -27.27 7.18
CA SER B 179 15.12 -28.00 6.21
C SER B 179 14.41 -29.19 5.56
N SER B 180 13.30 -29.64 6.15
CA SER B 180 12.45 -30.64 5.51
C SER B 180 10.97 -30.30 5.69
N PRO B 181 10.15 -30.51 4.64
CA PRO B 181 8.71 -30.38 4.86
C PRO B 181 8.16 -31.39 5.86
N GLU B 182 8.87 -32.49 6.07
CA GLU B 182 8.43 -33.49 7.04
C GLU B 182 8.56 -32.96 8.46
N THR B 183 9.46 -32.02 8.68
CA THR B 183 9.68 -31.47 10.01
C THR B 183 9.21 -30.04 10.20
N THR B 184 9.00 -29.28 9.12
CA THR B 184 8.75 -27.85 9.27
C THR B 184 7.60 -27.50 10.19
N GLN B 185 7.85 -26.48 11.00
CA GLN B 185 6.84 -25.89 11.87
CA GLN B 185 6.85 -25.90 11.87
C GLN B 185 6.52 -24.49 11.41
N TYR B 186 6.98 -24.14 10.20
CA TYR B 186 6.72 -22.86 9.58
C TYR B 186 6.18 -23.10 8.17
N PHE B 187 4.89 -22.79 8.02
CA PHE B 187 4.13 -23.03 6.83
C PHE B 187 3.88 -21.65 6.21
N ARG B 188 4.66 -21.32 5.19
CA ARG B 188 4.54 -20.03 4.49
C ARG B 188 3.61 -20.18 3.26
N VAL B 189 2.34 -19.86 3.44
CA VAL B 189 1.34 -20.18 2.44
C VAL B 189 1.18 -19.00 1.51
N THR B 190 1.22 -19.29 0.22
CA THR B 190 1.05 -18.30 -0.83
C THR B 190 -0.06 -18.79 -1.79
N HIS B 191 -0.57 -17.89 -2.64
CA HIS B 191 -1.67 -18.20 -3.52
C HIS B 191 -1.46 -17.59 -4.89
N SER B 192 -1.41 -18.46 -5.92
CA SER B 192 -1.47 -18.05 -7.31
C SER B 192 -0.38 -16.99 -7.56
N ASN B 193 -0.74 -15.86 -8.15
CA ASN B 193 0.20 -14.76 -8.38
C ASN B 193 0.11 -13.65 -7.35
N ASP B 194 -0.17 -13.97 -6.09
CA ASP B 194 -0.14 -12.96 -5.01
C ASP B 194 1.13 -12.07 -5.19
N GLY B 195 0.95 -10.75 -5.23
CA GLY B 195 2.13 -9.88 -5.39
C GLY B 195 2.87 -9.56 -4.10
N ILE B 196 2.25 -9.80 -2.96
CA ILE B 196 2.85 -9.39 -1.70
C ILE B 196 4.06 -10.22 -1.28
N PRO B 197 4.05 -11.55 -1.53
CA PRO B 197 5.31 -12.31 -1.29
C PRO B 197 6.53 -11.88 -2.12
N ASN B 198 6.35 -11.04 -3.14
CA ASN B 198 7.44 -10.42 -3.88
C ASN B 198 7.99 -9.11 -3.30
N LEU B 199 7.41 -8.65 -2.20
CA LEU B 199 7.76 -7.38 -1.57
C LEU B 199 8.14 -7.54 -0.09
N PRO B 200 9.09 -6.70 0.39
CA PRO B 200 9.97 -5.89 -0.42
C PRO B 200 10.80 -6.78 -1.35
N PRO B 201 11.34 -6.21 -2.43
CA PRO B 201 12.19 -6.97 -3.38
C PRO B 201 13.41 -7.57 -2.72
N ALA B 202 13.80 -8.76 -3.14
CA ALA B 202 15.03 -9.41 -2.67
C ALA B 202 16.28 -8.53 -2.81
N GLU B 203 16.33 -7.76 -3.91
CA GLU B 203 17.48 -6.89 -4.18
C GLU B 203 17.64 -5.74 -3.18
N GLN B 204 16.62 -5.48 -2.36
CA GLN B 204 16.76 -4.54 -1.24
C GLN B 204 17.27 -5.23 0.03
N GLY B 205 17.68 -6.50 -0.06
CA GLY B 205 18.30 -7.21 1.07
C GLY B 205 17.34 -8.07 1.89
N TYR B 206 16.19 -8.38 1.31
CA TYR B 206 15.13 -9.15 1.95
C TYR B 206 15.11 -10.59 1.46
N ALA B 207 14.63 -11.49 2.30
CA ALA B 207 14.60 -12.90 1.98
C ALA B 207 13.41 -13.52 2.70
N HIS B 208 12.83 -14.56 2.10
CA HIS B 208 11.83 -15.37 2.78
C HIS B 208 12.50 -16.54 3.47
N GLY B 209 11.89 -16.95 4.56
CA GLY B 209 12.18 -18.25 5.16
C GLY B 209 10.94 -19.12 5.09
N GLY B 210 10.96 -20.23 5.80
CA GLY B 210 9.82 -21.17 5.79
C GLY B 210 9.76 -22.10 4.60
N VAL B 211 8.91 -23.11 4.68
CA VAL B 211 8.57 -23.91 3.51
C VAL B 211 7.38 -23.23 2.89
N GLU B 212 7.44 -22.98 1.60
CA GLU B 212 6.35 -22.37 0.89
C GLU B 212 5.30 -23.42 0.47
N TYR B 213 4.04 -23.14 0.77
CA TYR B 213 2.91 -23.95 0.37
C TYR B 213 2.10 -23.09 -0.58
N TRP B 214 2.24 -23.40 -1.86
CA TRP B 214 1.68 -22.59 -2.92
C TRP B 214 0.36 -23.17 -3.39
N SER B 215 -0.71 -22.44 -3.06
CA SER B 215 -2.04 -22.79 -3.43
C SER B 215 -2.30 -22.19 -4.81
N VAL B 216 -2.65 -23.06 -5.75
CA VAL B 216 -3.05 -22.63 -7.07
C VAL B 216 -4.50 -23.01 -7.32
N ASP B 217 -5.16 -22.30 -8.25
CA ASP B 217 -6.59 -22.47 -8.50
C ASP B 217 -6.84 -23.60 -9.51
N PRO B 218 -7.94 -24.37 -9.33
CA PRO B 218 -8.91 -24.36 -8.23
C PRO B 218 -8.32 -24.99 -6.96
N TYR B 219 -8.46 -24.29 -5.84
CA TYR B 219 -7.70 -24.67 -4.63
C TYR B 219 -8.19 -26.01 -4.08
N SER B 220 -7.25 -26.78 -3.55
CA SER B 220 -7.53 -28.09 -2.98
C SER B 220 -6.20 -28.63 -2.43
N ALA B 221 -6.25 -29.72 -1.68
CA ALA B 221 -5.02 -30.33 -1.18
C ALA B 221 -4.15 -30.75 -2.37
N GLN B 222 -4.79 -31.21 -3.44
CA GLN B 222 -4.08 -31.74 -4.60
C GLN B 222 -3.39 -30.61 -5.37
N ASN B 223 -3.97 -29.40 -5.27
CA ASN B 223 -3.46 -28.24 -5.97
C ASN B 223 -2.75 -27.29 -5.02
N THR B 224 -2.13 -27.85 -3.99
CA THR B 224 -1.21 -27.09 -3.18
C THR B 224 0.20 -27.68 -3.34
N PHE B 225 1.14 -26.86 -3.80
CA PHE B 225 2.52 -27.29 -4.03
C PHE B 225 3.39 -27.02 -2.80
N VAL B 226 4.36 -27.89 -2.58
CA VAL B 226 5.33 -27.73 -1.49
C VAL B 226 6.64 -27.29 -2.15
N CYS B 227 7.06 -26.08 -1.87
CA CYS B 227 8.19 -25.45 -2.58
C CYS B 227 9.33 -25.23 -1.59
N THR B 228 10.46 -25.87 -1.85
CA THR B 228 11.61 -25.78 -0.96
C THR B 228 12.82 -25.20 -1.68
N GLY B 229 13.76 -24.66 -0.91
CA GLY B 229 14.97 -24.05 -1.47
C GLY B 229 14.81 -22.57 -1.80
N ASP B 230 15.88 -21.97 -2.32
CA ASP B 230 15.98 -20.50 -2.52
C ASP B 230 16.04 -20.07 -3.99
N GLU B 231 15.82 -21.02 -4.88
CA GLU B 231 15.50 -20.80 -6.30
C GLU B 231 14.17 -20.03 -6.46
N VAL B 232 14.06 -19.25 -7.53
CA VAL B 232 12.83 -18.47 -7.81
C VAL B 232 11.81 -19.40 -8.44
N GLN B 233 10.70 -19.62 -7.75
CA GLN B 233 9.71 -20.59 -8.20
C GLN B 233 8.37 -20.29 -7.53
N CYS B 234 7.36 -21.06 -7.90
CA CYS B 234 6.05 -20.94 -7.26
C CYS B 234 5.54 -19.49 -7.28
N CYS B 235 5.03 -18.98 -6.15
CA CYS B 235 4.39 -17.68 -6.17
C CYS B 235 5.34 -16.60 -6.67
N GLU B 236 6.58 -16.67 -6.23
CA GLU B 236 7.56 -15.62 -6.50
C GLU B 236 8.05 -15.61 -7.92
N ALA B 237 7.74 -16.66 -8.67
CA ALA B 237 7.99 -16.71 -10.12
C ALA B 237 6.84 -16.13 -10.97
N GLN B 238 5.70 -15.76 -10.39
CA GLN B 238 4.54 -15.38 -11.16
C GLN B 238 4.49 -13.90 -11.56
N GLY B 239 5.30 -13.03 -10.96
CA GLY B 239 5.29 -11.62 -11.35
C GLY B 239 4.05 -10.84 -10.90
N GLY B 240 3.34 -11.33 -9.90
CA GLY B 240 2.22 -10.55 -9.36
C GLY B 240 2.68 -9.21 -8.83
N GLN B 241 1.83 -8.22 -9.03
CA GLN B 241 2.09 -6.84 -8.59
C GLN B 241 1.20 -6.44 -7.42
N GLY B 242 1.79 -6.31 -6.26
CA GLY B 242 1.14 -5.65 -5.13
C GLY B 242 -0.07 -6.38 -4.60
N VAL B 243 -1.05 -5.62 -4.16
CA VAL B 243 -2.27 -6.16 -3.62
C VAL B 243 -3.18 -6.48 -4.80
N ASN B 244 -3.30 -7.76 -5.09
CA ASN B 244 -4.15 -8.18 -6.19
C ASN B 244 -5.16 -9.16 -5.66
N ASP B 245 -6.05 -9.63 -6.51
CA ASP B 245 -7.10 -10.53 -6.07
C ASP B 245 -6.56 -11.79 -5.39
N ALA B 246 -5.46 -12.32 -5.93
CA ALA B 246 -4.78 -13.48 -5.34
C ALA B 246 -4.39 -13.22 -3.90
N HIS B 247 -3.94 -12.00 -3.61
CA HIS B 247 -3.55 -11.66 -2.25
C HIS B 247 -4.71 -11.68 -1.28
N THR B 248 -5.84 -11.13 -1.72
CA THR B 248 -6.98 -10.88 -0.79
C THR B 248 -7.76 -12.16 -0.47
N THR B 249 -7.64 -13.18 -1.30
CA THR B 249 -8.50 -14.35 -1.21
C THR B 249 -7.71 -15.66 -1.13
N TYR B 250 -7.65 -16.24 0.06
CA TYR B 250 -6.90 -17.47 0.33
C TYR B 250 -7.88 -18.60 0.61
N PHE B 251 -7.76 -19.69 -0.15
CA PHE B 251 -8.70 -20.81 -0.08
C PHE B 251 -10.15 -20.34 -0.18
N GLY B 252 -10.38 -19.40 -1.09
CA GLY B 252 -11.72 -18.94 -1.39
C GLY B 252 -12.29 -17.93 -0.39
N MET B 253 -11.47 -17.54 0.58
CA MET B 253 -11.87 -16.67 1.69
C MET B 253 -11.22 -15.32 1.53
N THR B 254 -12.04 -14.31 1.29
CA THR B 254 -11.55 -12.93 1.12
C THR B 254 -11.50 -12.23 2.47
N SER B 255 -10.42 -11.47 2.72
CA SER B 255 -10.21 -10.79 3.99
C SER B 255 -11.47 -10.10 4.49
N GLY B 256 -11.89 -10.46 5.70
CA GLY B 256 -13.04 -9.84 6.34
C GLY B 256 -14.42 -10.12 5.73
N ALA B 257 -14.55 -11.05 4.78
CA ALA B 257 -15.83 -11.22 4.08
C ALA B 257 -16.91 -11.88 4.93
N CYS B 258 -16.50 -12.73 5.87
CA CYS B 258 -17.42 -13.45 6.77
C CYS B 258 -18.45 -14.34 6.07
N THR B 259 -18.06 -14.91 4.93
CA THR B 259 -18.94 -15.78 4.11
C THR B 259 -18.59 -17.27 4.24
N TRP B 260 -17.54 -17.54 5.02
CA TRP B 260 -17.17 -18.89 5.42
C TRP B 260 -17.92 -19.32 6.68
#